data_9ND5
#
_entry.id   9ND5
#
_cell.length_a   57.165
_cell.length_b   61.037
_cell.length_c   86.154
_cell.angle_alpha   90.00
_cell.angle_beta   90.00
_cell.angle_gamma   90.00
#
_symmetry.space_group_name_H-M   'P 21 21 21'
#
loop_
_entity.id
_entity.type
_entity.pdbx_description
1 polymer 'Tyrosine-protein kinase JAK2'
2 non-polymer 4-{[5-amino-1-(3-{[fluorodi(hydroxy)-lambda~4~-sulfanyl]oxy}benzoyl)-1H-1,2,4-triazol-3-yl]amino}benzene-1-sulfonamide
3 water water
#
_entity_poly.entity_id   1
_entity_poly.type   'polypeptide(L)'
_entity_poly.pdbx_seq_one_letter_code
;VFHKIRNEDLIFNESLGQGTFTKIFKGVRREVGDYGQLHETEVLLKVLDKAHRNYSESFFEAASMMSKLSHKHLVLNYGV
CVCGDENILVQEFVKFGSLDTYLKKNKNCINILWKLEVAKQLAWAMHFLEENTLIHGNVCAKNILLIREEDRKTGNPPFI
KLSDPGISITVLPKDILQERIPWVPPECIENPKNLNLATDKWSFGTTLWEICSGGDKPLSALDSQRKLQFYEDRHQLPAP
KWAELANLINNCMDYEPDHRPSFRAIIRDLNSLFHHHHHH
;
_entity_poly.pdbx_strand_id   A
#
# COMPACT_ATOMS: atom_id res chain seq x y z
N VAL A 1 -22.10 0.09 -8.25
CA VAL A 1 -21.20 0.24 -7.12
C VAL A 1 -19.99 1.07 -7.53
N PHE A 2 -19.57 0.91 -8.80
CA PHE A 2 -18.49 1.69 -9.39
C PHE A 2 -19.04 2.52 -10.53
N HIS A 3 -18.61 3.77 -10.61
CA HIS A 3 -18.96 4.61 -11.75
C HIS A 3 -18.42 3.99 -13.02
N LYS A 4 -19.28 3.91 -14.05
CA LYS A 4 -18.93 3.27 -15.30
C LYS A 4 -18.34 4.29 -16.25
N ILE A 5 -17.13 4.00 -16.76
CA ILE A 5 -16.36 4.95 -17.56
C ILE A 5 -16.22 4.40 -18.99
N ARG A 6 -16.37 5.30 -19.96
CA ARG A 6 -16.41 4.90 -21.36
C ARG A 6 -15.01 4.60 -21.88
N ASN A 7 -14.92 3.53 -22.67
CA ASN A 7 -13.69 3.17 -23.37
C ASN A 7 -13.13 4.36 -24.15
N GLU A 8 -13.99 5.09 -24.86
CA GLU A 8 -13.55 6.13 -25.77
C GLU A 8 -12.90 7.28 -25.03
N ASP A 9 -13.29 7.48 -23.76
CA ASP A 9 -12.75 8.53 -22.93
C ASP A 9 -11.45 8.12 -22.24
N LEU A 10 -11.02 6.86 -22.35
CA LEU A 10 -9.80 6.34 -21.73
C LEU A 10 -8.75 6.06 -22.78
N ILE A 11 -7.66 6.84 -22.77
CA ILE A 11 -6.49 6.60 -23.60
C ILE A 11 -5.41 5.98 -22.72
N PHE A 12 -4.93 4.79 -23.10
CA PHE A 12 -3.85 4.12 -22.35
C PHE A 12 -2.49 4.59 -22.87
N ASN A 13 -1.62 4.97 -21.95
CA ASN A 13 -0.25 5.42 -22.33
C ASN A 13 0.84 4.51 -21.77
N GLU A 14 1.83 5.04 -21.04
CA GLU A 14 3.00 4.22 -20.74
C GLU A 14 2.77 3.24 -19.59
N SER A 15 3.36 2.04 -19.75
CA SER A 15 3.46 1.10 -18.64
C SER A 15 4.24 1.70 -17.49
N LEU A 16 3.68 1.60 -16.31
CA LEU A 16 4.33 2.08 -15.08
C LEU A 16 4.82 0.94 -14.21
N GLY A 17 4.57 -0.30 -14.60
CA GLY A 17 4.97 -1.43 -13.79
C GLY A 17 3.86 -2.47 -13.77
N GLN A 18 3.90 -3.32 -12.75
CA GLN A 18 2.89 -4.35 -12.58
C GLN A 18 2.81 -4.76 -11.12
N GLY A 19 1.62 -5.23 -10.72
CA GLY A 19 1.41 -5.76 -9.40
C GLY A 19 1.06 -7.23 -9.48
N THR A 20 0.35 -7.76 -8.48
CA THR A 20 0.07 -9.19 -8.46
C THR A 20 -1.04 -9.49 -9.46
N PHE A 21 -0.65 -10.07 -10.60
CA PHE A 21 -1.58 -10.49 -11.67
C PHE A 21 -2.25 -9.29 -12.32
N THR A 22 -1.51 -8.19 -12.44
CA THR A 22 -2.02 -6.94 -12.98
C THR A 22 -0.93 -6.23 -13.76
N LYS A 23 -1.35 -5.40 -14.71
CA LYS A 23 -0.47 -4.42 -15.35
C LYS A 23 -0.99 -3.02 -15.08
N ILE A 24 -0.07 -2.06 -14.97
CA ILE A 24 -0.36 -0.70 -14.57
C ILE A 24 0.09 0.23 -15.70
N PHE A 25 -0.79 1.15 -16.11
CA PHE A 25 -0.48 2.15 -17.13
C PHE A 25 -0.81 3.54 -16.64
N LYS A 26 0.02 4.52 -17.00
CA LYS A 26 -0.43 5.90 -16.93
C LYS A 26 -1.40 6.15 -18.07
N GLY A 27 -2.42 6.96 -17.83
CA GLY A 27 -3.53 7.07 -18.75
C GLY A 27 -4.05 8.49 -18.82
N VAL A 28 -5.06 8.67 -19.67
CA VAL A 28 -5.71 9.96 -19.89
C VAL A 28 -7.20 9.71 -20.03
N ARG A 29 -8.00 10.43 -19.25
CA ARG A 29 -9.45 10.34 -19.30
C ARG A 29 -10.02 11.72 -19.65
N ARG A 30 -10.86 11.75 -20.67
CA ARG A 30 -11.60 12.96 -20.99
C ARG A 30 -12.91 12.95 -20.23
N GLU A 31 -13.24 14.06 -19.57
CA GLU A 31 -14.41 14.04 -18.72
C GLU A 31 -15.02 15.42 -18.62
N VAL A 32 -16.33 15.44 -18.37
CA VAL A 32 -17.02 16.66 -17.98
C VAL A 32 -16.86 16.80 -16.47
N GLY A 33 -16.18 17.84 -16.03
CA GLY A 33 -15.95 18.10 -14.63
C GLY A 33 -17.04 18.95 -14.02
N ASP A 34 -16.66 19.73 -13.01
CA ASP A 34 -17.61 20.70 -12.47
C ASP A 34 -17.90 21.77 -13.54
N TYR A 35 -19.07 22.40 -13.40
CA TYR A 35 -19.49 23.52 -14.22
C TYR A 35 -19.70 23.17 -15.69
N GLY A 36 -19.74 21.87 -16.03
CA GLY A 36 -19.78 21.46 -17.40
C GLY A 36 -18.47 21.51 -18.13
N GLN A 37 -17.41 22.03 -17.53
CA GLN A 37 -16.15 22.21 -18.25
C GLN A 37 -15.51 20.87 -18.57
N LEU A 38 -14.96 20.77 -19.79
CA LEU A 38 -14.28 19.56 -20.22
C LEU A 38 -12.85 19.53 -19.72
N HIS A 39 -12.45 18.40 -19.16
CA HIS A 39 -11.10 18.19 -18.67
C HIS A 39 -10.46 17.00 -19.38
N GLU A 40 -9.14 17.07 -19.49
CA GLU A 40 -8.28 15.92 -19.77
C GLU A 40 -7.54 15.64 -18.46
N THR A 41 -7.95 14.60 -17.74
CA THR A 41 -7.34 14.30 -16.46
C THR A 41 -6.52 13.03 -16.56
N GLU A 42 -5.30 13.07 -16.06
CA GLU A 42 -4.47 11.87 -16.05
C GLU A 42 -4.98 10.90 -15.01
N VAL A 43 -4.89 9.62 -15.33
CA VAL A 43 -5.47 8.57 -14.51
C VAL A 43 -4.45 7.45 -14.45
N LEU A 44 -4.68 6.54 -13.51
CA LEU A 44 -3.92 5.31 -13.41
C LEU A 44 -4.83 4.19 -13.83
N LEU A 45 -4.33 3.32 -14.69
CA LEU A 45 -5.13 2.23 -15.21
C LEU A 45 -4.52 0.92 -14.74
N LYS A 46 -5.30 0.15 -13.97
CA LYS A 46 -4.89 -1.14 -13.45
C LYS A 46 -5.70 -2.21 -14.18
N VAL A 47 -5.03 -3.06 -14.93
CA VAL A 47 -5.68 -4.07 -15.76
C VAL A 47 -5.42 -5.43 -15.15
N LEU A 48 -6.49 -6.20 -14.93
CA LEU A 48 -6.35 -7.56 -14.45
C LEU A 48 -5.94 -8.46 -15.61
N ASP A 49 -4.94 -9.32 -15.36
CA ASP A 49 -4.36 -10.15 -16.41
C ASP A 49 -5.44 -10.94 -17.17
N LYS A 50 -5.23 -11.11 -18.47
CA LYS A 50 -6.16 -11.86 -19.29
C LYS A 50 -6.18 -13.34 -18.91
N ALA A 51 -5.13 -13.81 -18.22
CA ALA A 51 -5.01 -15.21 -17.86
C ALA A 51 -5.57 -15.52 -16.47
N HIS A 52 -5.60 -14.53 -15.58
CA HIS A 52 -6.03 -14.75 -14.20
C HIS A 52 -7.41 -14.13 -13.93
N ARG A 53 -8.31 -14.19 -14.92
CA ARG A 53 -9.63 -13.59 -14.79
C ARG A 53 -10.43 -14.14 -13.61
N ASN A 54 -10.02 -15.29 -13.07
CA ASN A 54 -10.73 -15.90 -11.95
C ASN A 54 -10.65 -15.05 -10.70
N TYR A 55 -9.67 -14.17 -10.61
CA TYR A 55 -9.46 -13.35 -9.43
C TYR A 55 -10.20 -12.01 -9.50
N SER A 56 -11.10 -11.83 -10.47
CA SER A 56 -11.79 -10.56 -10.61
C SER A 56 -12.68 -10.27 -9.41
N GLU A 57 -13.16 -11.32 -8.73
CA GLU A 57 -13.96 -11.13 -7.53
C GLU A 57 -13.19 -10.29 -6.51
N SER A 58 -11.96 -10.72 -6.17
CA SER A 58 -11.21 -10.03 -5.13
C SER A 58 -10.65 -8.70 -5.64
N PHE A 59 -10.15 -8.72 -6.87
CA PHE A 59 -9.62 -7.54 -7.55
C PHE A 59 -10.49 -6.29 -7.34
N PHE A 60 -11.77 -6.39 -7.68
CA PHE A 60 -12.66 -5.25 -7.63
C PHE A 60 -13.23 -5.02 -6.24
N GLU A 61 -13.34 -6.06 -5.43
CA GLU A 61 -13.79 -5.89 -4.06
C GLU A 61 -12.79 -5.04 -3.27
N ALA A 62 -11.50 -5.24 -3.51
CA ALA A 62 -10.48 -4.49 -2.80
C ALA A 62 -10.56 -3.01 -3.12
N ALA A 63 -10.80 -2.67 -4.38
CA ALA A 63 -10.98 -1.26 -4.71
C ALA A 63 -12.33 -0.75 -4.24
N SER A 64 -13.32 -1.64 -4.14
CA SER A 64 -14.66 -1.25 -3.76
C SER A 64 -14.72 -0.87 -2.29
N MET A 65 -14.11 -1.70 -1.43
CA MET A 65 -14.18 -1.46 0.01
C MET A 65 -13.54 -0.12 0.38
N MET A 66 -12.34 0.14 -0.15
CA MET A 66 -11.70 1.43 0.10
C MET A 66 -12.56 2.57 -0.41
N SER A 67 -13.18 2.40 -1.57
CA SER A 67 -13.93 3.49 -2.20
C SER A 67 -15.18 3.86 -1.41
N LYS A 68 -15.75 2.92 -0.66
CA LYS A 68 -16.91 3.25 0.16
C LYS A 68 -16.57 4.26 1.24
N LEU A 69 -15.35 4.19 1.79
CA LEU A 69 -14.84 5.16 2.74
C LEU A 69 -14.13 6.30 1.99
N SER A 70 -14.28 7.52 2.49
CA SER A 70 -13.61 8.69 1.92
C SER A 70 -12.70 9.29 2.98
N HIS A 71 -11.40 9.42 2.69
CA HIS A 71 -10.47 9.92 3.67
C HIS A 71 -9.25 10.51 2.96
N LYS A 72 -8.68 11.56 3.55
CA LYS A 72 -7.63 12.31 2.86
C LYS A 72 -6.41 11.47 2.52
N HIS A 73 -6.20 10.34 3.19
CA HIS A 73 -5.03 9.49 3.00
C HIS A 73 -5.32 8.21 2.22
N LEU A 74 -6.50 8.09 1.59
CA LEU A 74 -6.84 6.91 0.80
C LEU A 74 -6.97 7.33 -0.66
N VAL A 75 -6.37 6.55 -1.57
CA VAL A 75 -6.39 6.88 -3.00
C VAL A 75 -7.82 6.83 -3.52
N LEU A 76 -8.15 7.76 -4.41
CA LEU A 76 -9.47 7.83 -5.03
C LEU A 76 -9.62 6.88 -6.20
N ASN A 77 -10.75 6.20 -6.26
CA ASN A 77 -11.15 5.45 -7.45
C ASN A 77 -12.22 6.20 -8.21
N TYR A 78 -12.04 6.33 -9.52
CA TYR A 78 -13.04 6.91 -10.42
C TYR A 78 -14.02 5.85 -10.94
N GLY A 79 -13.56 4.62 -11.18
CA GLY A 79 -14.51 3.56 -11.51
C GLY A 79 -13.85 2.45 -12.32
N VAL A 80 -14.65 1.86 -13.19
CA VAL A 80 -14.24 0.80 -14.11
C VAL A 80 -14.60 1.24 -15.51
N CYS A 81 -14.04 0.54 -16.49
CA CYS A 81 -14.30 0.78 -17.90
C CYS A 81 -15.07 -0.38 -18.53
N VAL A 82 -16.11 -0.08 -19.29
CA VAL A 82 -16.91 -1.12 -19.92
C VAL A 82 -16.19 -1.56 -21.18
N CYS A 83 -15.23 -2.46 -21.01
CA CYS A 83 -14.46 -3.00 -22.11
C CYS A 83 -14.87 -4.42 -22.51
N GLY A 84 -15.48 -5.19 -21.60
CA GLY A 84 -15.89 -6.54 -21.93
C GLY A 84 -14.83 -7.60 -21.69
N ASP A 85 -13.90 -7.76 -22.62
CA ASP A 85 -12.82 -8.71 -22.47
C ASP A 85 -11.68 -8.18 -21.59
N GLU A 86 -11.94 -7.17 -20.77
CA GLU A 86 -10.91 -6.56 -19.93
C GLU A 86 -11.55 -6.09 -18.61
N ASN A 87 -10.70 -6.00 -17.59
CA ASN A 87 -11.08 -5.56 -16.23
C ASN A 87 -10.12 -4.45 -15.82
N ILE A 88 -10.57 -3.19 -15.87
CA ILE A 88 -9.69 -2.05 -15.72
C ILE A 88 -10.20 -1.15 -14.61
N LEU A 89 -9.34 -0.86 -13.65
CA LEU A 89 -9.61 0.12 -12.61
C LEU A 89 -9.04 1.47 -13.03
N VAL A 90 -9.84 2.51 -12.84
CA VAL A 90 -9.45 3.87 -13.20
C VAL A 90 -9.29 4.64 -11.89
N GLN A 91 -8.05 4.84 -11.47
CA GLN A 91 -7.74 5.40 -10.17
C GLN A 91 -6.96 6.69 -10.33
N GLU A 92 -6.94 7.48 -9.27
CA GLU A 92 -6.27 8.78 -9.33
C GLU A 92 -4.79 8.55 -9.58
N PHE A 93 -4.19 9.43 -10.38
CA PHE A 93 -2.78 9.32 -10.72
C PHE A 93 -1.98 10.20 -9.78
N VAL A 94 -1.22 9.59 -8.91
CA VAL A 94 -0.43 10.30 -7.91
C VAL A 94 0.90 10.70 -8.52
N LYS A 95 1.32 11.93 -8.29
CA LYS A 95 2.39 12.50 -9.10
C LYS A 95 3.69 11.72 -8.96
N PHE A 96 4.14 11.45 -7.73
CA PHE A 96 5.49 10.93 -7.51
C PHE A 96 5.57 9.43 -7.31
N GLY A 97 4.47 8.70 -7.52
CA GLY A 97 4.50 7.25 -7.45
C GLY A 97 4.84 6.65 -6.09
N SER A 98 5.08 5.33 -6.14
CA SER A 98 5.32 4.51 -4.96
C SER A 98 6.41 5.06 -4.05
N LEU A 99 6.25 4.81 -2.75
CA LEU A 99 7.18 5.33 -1.76
C LEU A 99 8.50 4.58 -1.77
N ASP A 100 8.47 3.29 -2.08
CA ASP A 100 9.68 2.48 -2.03
C ASP A 100 10.68 2.90 -3.12
N THR A 101 10.22 3.15 -4.35
CA THR A 101 11.11 3.69 -5.37
C THR A 101 11.59 5.09 -4.98
N TYR A 102 10.70 5.91 -4.44
CA TYR A 102 11.08 7.26 -4.03
C TYR A 102 12.18 7.23 -2.97
N LEU A 103 12.07 6.34 -1.98
CA LEU A 103 13.06 6.26 -0.91
C LEU A 103 14.43 5.84 -1.44
N LYS A 104 14.45 4.93 -2.43
CA LYS A 104 15.72 4.61 -3.09
C LYS A 104 16.33 5.86 -3.72
N LYS A 105 15.53 6.60 -4.49
CA LYS A 105 16.05 7.73 -5.25
C LYS A 105 16.52 8.87 -4.33
N ASN A 106 16.10 8.89 -3.07
CA ASN A 106 16.58 9.89 -2.13
C ASN A 106 17.12 9.23 -0.86
N LYS A 107 17.98 8.22 -1.00
CA LYS A 107 18.52 7.50 0.14
C LYS A 107 19.13 8.44 1.16
N ASN A 108 20.21 9.11 0.77
CA ASN A 108 21.02 9.88 1.70
C ASN A 108 20.47 11.28 1.92
N CYS A 109 19.18 11.49 1.66
CA CYS A 109 18.57 12.82 1.75
C CYS A 109 17.29 12.91 2.57
N ILE A 110 16.64 11.79 2.88
CA ILE A 110 15.47 11.82 3.74
C ILE A 110 15.95 11.75 5.19
N ASN A 111 15.74 12.83 5.94
CA ASN A 111 16.18 12.85 7.32
C ASN A 111 15.13 12.15 8.19
N ILE A 112 15.30 12.18 9.50
CA ILE A 112 14.43 11.40 10.37
C ILE A 112 13.04 12.03 10.46
N LEU A 113 12.96 13.36 10.43
CA LEU A 113 11.68 14.02 10.54
C LEU A 113 10.79 13.75 9.32
N TRP A 114 11.37 13.52 8.16
CA TRP A 114 10.59 13.10 6.99
C TRP A 114 9.99 11.72 7.21
N LYS A 115 10.80 10.76 7.67
CA LYS A 115 10.31 9.41 7.93
C LYS A 115 9.23 9.41 9.01
N LEU A 116 9.42 10.23 10.05
CA LEU A 116 8.45 10.34 11.12
C LEU A 116 7.12 10.86 10.59
N GLU A 117 7.19 11.90 9.76
CA GLU A 117 6.00 12.55 9.24
C GLU A 117 5.25 11.64 8.28
N VAL A 118 5.97 10.82 7.51
CA VAL A 118 5.31 9.85 6.65
C VAL A 118 4.70 8.73 7.50
N ALA A 119 5.40 8.31 8.55
CA ALA A 119 4.87 7.28 9.45
C ALA A 119 3.59 7.74 10.14
N LYS A 120 3.52 9.02 10.52
CA LYS A 120 2.29 9.49 11.19
C LYS A 120 1.14 9.51 10.21
N GLN A 121 1.37 9.94 8.98
CA GLN A 121 0.29 9.96 8.01
C GLN A 121 -0.24 8.55 7.75
N LEU A 122 0.66 7.59 7.55
CA LEU A 122 0.24 6.20 7.37
C LEU A 122 -0.46 5.66 8.60
N ALA A 123 0.05 5.93 9.79
CA ALA A 123 -0.61 5.45 11.00
C ALA A 123 -1.99 6.07 11.14
N TRP A 124 -2.13 7.36 10.80
CA TRP A 124 -3.43 8.01 10.78
C TRP A 124 -4.41 7.32 9.86
N ALA A 125 -3.95 6.95 8.65
CA ALA A 125 -4.80 6.23 7.70
C ALA A 125 -5.20 4.88 8.26
N MET A 126 -4.24 4.14 8.82
CA MET A 126 -4.52 2.83 9.39
C MET A 126 -5.47 2.91 10.58
N HIS A 127 -5.32 3.94 11.42
CA HIS A 127 -6.24 4.11 12.54
C HIS A 127 -7.65 4.36 12.03
N PHE A 128 -7.75 5.04 10.89
CA PHE A 128 -9.05 5.33 10.31
C PHE A 128 -9.74 4.05 9.85
N LEU A 129 -9.00 3.19 9.15
CA LEU A 129 -9.53 1.88 8.77
C LEU A 129 -9.89 1.05 9.99
N GLU A 130 -9.08 1.15 11.05
CA GLU A 130 -9.33 0.37 12.27
C GLU A 130 -10.61 0.81 12.95
N GLU A 131 -10.86 2.12 13.03
CA GLU A 131 -12.13 2.60 13.56
C GLU A 131 -13.31 2.07 12.74
N ASN A 132 -13.12 1.82 11.46
CA ASN A 132 -14.17 1.31 10.60
C ASN A 132 -14.14 -0.19 10.46
N THR A 133 -13.32 -0.87 11.28
CA THR A 133 -12.99 -2.29 11.18
C THR A 133 -12.86 -2.78 9.74
N LEU A 134 -12.17 -2.03 8.90
CA LEU A 134 -11.89 -2.45 7.54
C LEU A 134 -10.46 -2.96 7.44
N ILE A 135 -10.30 -4.21 7.01
CA ILE A 135 -8.98 -4.80 6.84
C ILE A 135 -8.43 -4.41 5.48
N HIS A 136 -7.19 -3.89 5.45
CA HIS A 136 -6.57 -3.58 4.17
C HIS A 136 -5.98 -4.86 3.59
N GLY A 137 -4.90 -5.36 4.22
CA GLY A 137 -4.34 -6.65 3.93
C GLY A 137 -3.09 -6.66 3.10
N ASN A 138 -2.61 -5.50 2.66
CA ASN A 138 -1.42 -5.44 1.84
C ASN A 138 -0.71 -4.11 2.08
N VAL A 139 -0.38 -3.82 3.33
CA VAL A 139 0.30 -2.58 3.66
C VAL A 139 1.78 -2.77 3.36
N CYS A 140 2.32 -1.99 2.42
CA CYS A 140 3.72 -2.02 2.04
C CYS A 140 4.09 -0.67 1.46
N ALA A 141 5.40 -0.43 1.32
CA ALA A 141 5.84 0.86 0.75
C ALA A 141 5.46 1.01 -0.72
N LYS A 142 5.36 -0.09 -1.47
CA LYS A 142 4.90 0.01 -2.88
C LYS A 142 3.44 0.51 -2.93
N ASN A 143 2.66 0.24 -1.90
CA ASN A 143 1.22 0.63 -1.90
C ASN A 143 1.06 2.00 -1.22
N ILE A 144 2.17 2.72 -1.02
CA ILE A 144 2.10 4.10 -0.47
C ILE A 144 2.49 5.06 -1.60
N LEU A 145 1.65 6.04 -1.88
CA LEU A 145 1.90 6.94 -3.02
C LEU A 145 2.18 8.36 -2.51
N LEU A 146 3.24 8.99 -3.03
CA LEU A 146 3.63 10.36 -2.59
C LEU A 146 2.88 11.39 -3.44
N ILE A 147 1.90 12.05 -2.85
CA ILE A 147 1.10 13.09 -3.55
C ILE A 147 1.99 14.31 -3.77
N ARG A 148 2.60 14.79 -2.70
CA ARG A 148 3.46 15.99 -2.79
C ARG A 148 4.73 15.73 -1.99
N GLU A 149 5.82 16.39 -2.38
CA GLU A 149 7.09 16.24 -1.66
C GLU A 149 7.18 17.36 -0.62
N GLU A 150 8.22 17.31 0.21
CA GLU A 150 8.41 18.35 1.23
C GLU A 150 8.61 19.70 0.53
N ASP A 151 7.79 20.68 0.89
CA ASP A 151 7.94 22.05 0.34
C ASP A 151 9.02 22.74 1.17
N ARG A 152 10.30 22.49 0.87
CA ARG A 152 11.44 23.04 1.66
C ARG A 152 11.35 24.57 1.71
N LYS A 153 10.42 25.17 0.98
CA LYS A 153 10.21 26.61 1.10
C LYS A 153 9.36 26.86 2.35
N THR A 154 8.12 26.36 2.32
CA THR A 154 7.20 26.56 3.45
C THR A 154 7.52 25.57 4.54
N GLY A 155 8.48 24.68 4.32
CA GLY A 155 8.72 23.59 5.29
C GLY A 155 7.51 22.68 5.28
N ASN A 156 6.75 22.72 4.19
CA ASN A 156 5.49 21.94 4.12
C ASN A 156 5.87 20.47 4.06
N PRO A 157 5.21 19.61 4.86
CA PRO A 157 5.57 18.20 4.93
C PRO A 157 5.18 17.46 3.67
N PRO A 158 5.76 16.26 3.43
CA PRO A 158 5.31 15.41 2.32
C PRO A 158 3.91 14.89 2.65
N PHE A 159 3.12 14.59 1.62
CA PHE A 159 1.78 14.02 1.85
C PHE A 159 1.69 12.71 1.09
N ILE A 160 1.18 11.69 1.77
CA ILE A 160 1.11 10.33 1.15
C ILE A 160 -0.34 9.83 1.16
N LYS A 161 -0.63 8.88 0.28
CA LYS A 161 -1.96 8.26 0.25
C LYS A 161 -1.75 6.74 0.23
N LEU A 162 -2.73 5.98 0.69
CA LEU A 162 -2.63 4.51 0.71
C LEU A 162 -3.42 3.94 -0.47
N SER A 163 -2.76 3.14 -1.31
CA SER A 163 -3.39 2.54 -2.50
C SER A 163 -4.25 1.33 -2.10
N ASP A 164 -4.97 0.77 -3.06
CA ASP A 164 -5.85 -0.40 -2.81
C ASP A 164 -5.00 -1.64 -2.55
N PRO A 165 -5.53 -2.65 -1.84
CA PRO A 165 -4.76 -3.87 -1.47
C PRO A 165 -4.68 -4.90 -2.58
N GLY A 166 -5.50 -4.77 -3.61
CA GLY A 166 -5.51 -5.74 -4.72
C GLY A 166 -6.11 -7.06 -4.32
N ILE A 167 -5.78 -8.12 -5.03
CA ILE A 167 -6.40 -9.46 -4.76
C ILE A 167 -6.05 -9.90 -3.34
N SER A 168 -7.03 -10.43 -2.60
CA SER A 168 -6.80 -10.80 -1.18
C SER A 168 -5.77 -11.91 -1.05
N ILE A 169 -5.03 -11.90 0.05
CA ILE A 169 -4.02 -12.96 0.33
C ILE A 169 -4.78 -14.20 0.82
N THR A 170 -6.12 -14.12 0.83
CA THR A 170 -6.94 -15.26 1.26
C THR A 170 -7.15 -16.17 0.07
N VAL A 171 -7.00 -15.65 -1.14
CA VAL A 171 -7.30 -16.44 -2.36
C VAL A 171 -6.02 -16.58 -3.19
N LEU A 172 -5.01 -15.78 -2.87
CA LEU A 172 -3.76 -15.82 -3.65
C LEU A 172 -3.00 -17.12 -3.34
N PRO A 173 -2.12 -17.59 -4.25
CA PRO A 173 -1.34 -18.83 -4.04
C PRO A 173 -0.25 -18.68 -2.99
N LYS A 174 0.21 -19.80 -2.45
CA LYS A 174 1.24 -19.76 -1.37
C LYS A 174 2.50 -19.06 -1.89
N ASP A 175 3.00 -19.46 -3.04
CA ASP A 175 4.27 -18.88 -3.53
C ASP A 175 4.19 -17.36 -3.47
N ILE A 176 3.06 -16.78 -3.82
CA ILE A 176 2.91 -15.30 -3.80
C ILE A 176 2.99 -14.84 -2.35
N LEU A 177 2.24 -15.50 -1.46
CA LEU A 177 2.23 -15.15 -0.03
C LEU A 177 3.64 -15.29 0.57
N GLN A 178 4.42 -16.27 0.11
CA GLN A 178 5.75 -16.50 0.70
C GLN A 178 6.74 -15.45 0.19
N GLU A 179 6.53 -14.92 -1.01
CA GLU A 179 7.40 -13.83 -1.49
C GLU A 179 7.00 -12.52 -0.80
N ARG A 180 5.78 -12.46 -0.28
CA ARG A 180 5.31 -11.26 0.44
C ARG A 180 5.77 -11.35 1.91
N ILE A 181 6.65 -12.29 2.24
CA ILE A 181 7.26 -12.32 3.59
C ILE A 181 8.40 -11.30 3.53
N PRO A 182 8.53 -10.34 4.49
CA PRO A 182 7.87 -10.38 5.81
C PRO A 182 6.74 -9.37 5.98
N TRP A 183 5.95 -9.11 4.94
CA TRP A 183 4.79 -8.20 5.05
C TRP A 183 3.58 -9.00 5.48
N VAL A 184 3.41 -10.15 4.88
CA VAL A 184 2.30 -11.07 5.28
C VAL A 184 2.67 -11.63 6.66
N PRO A 185 1.80 -11.47 7.67
CA PRO A 185 2.06 -11.99 9.03
C PRO A 185 2.23 -13.50 9.05
N PRO A 186 3.00 -14.05 10.01
CA PRO A 186 3.27 -15.52 10.12
C PRO A 186 1.98 -16.33 10.21
N GLU A 187 0.99 -15.80 10.91
CA GLU A 187 -0.30 -16.51 11.09
C GLU A 187 -1.02 -16.66 9.75
N CYS A 188 -0.91 -15.67 8.87
CA CYS A 188 -1.56 -15.75 7.54
C CYS A 188 -0.73 -16.67 6.63
N ILE A 189 0.58 -16.77 6.86
CA ILE A 189 1.45 -17.69 6.08
C ILE A 189 1.08 -19.12 6.51
N GLU A 190 0.71 -19.31 7.77
CA GLU A 190 0.28 -20.65 8.25
C GLU A 190 -1.15 -20.93 7.76
N ASN A 191 -2.04 -19.95 7.87
CA ASN A 191 -3.45 -20.11 7.44
C ASN A 191 -3.98 -18.75 6.99
N PRO A 192 -4.31 -18.57 5.71
CA PRO A 192 -4.76 -17.27 5.18
C PRO A 192 -6.08 -16.80 5.81
N LYS A 193 -6.82 -17.70 6.45
CA LYS A 193 -8.09 -17.31 7.14
C LYS A 193 -7.79 -16.49 8.39
N ASN A 194 -6.52 -16.40 8.79
CA ASN A 194 -6.13 -15.62 9.98
C ASN A 194 -6.12 -14.12 9.67
N LEU A 195 -6.37 -13.75 8.41
CA LEU A 195 -6.44 -12.30 8.03
C LEU A 195 -7.36 -11.58 9.01
N ASN A 196 -6.82 -10.58 9.71
CA ASN A 196 -7.58 -9.85 10.75
C ASN A 196 -7.00 -8.43 10.77
N LEU A 197 -7.61 -7.52 11.53
CA LEU A 197 -7.07 -6.14 11.65
C LEU A 197 -5.62 -6.17 12.17
N ALA A 198 -5.26 -7.21 12.93
CA ALA A 198 -3.89 -7.35 13.48
C ALA A 198 -2.87 -7.58 12.37
N THR A 199 -3.33 -8.09 11.23
CA THR A 199 -2.44 -8.29 10.07
C THR A 199 -1.85 -6.96 9.68
N ASP A 200 -2.66 -5.89 9.75
CA ASP A 200 -2.22 -4.55 9.29
C ASP A 200 -1.20 -3.92 10.25
N LYS A 201 -1.21 -4.34 11.51
CA LYS A 201 -0.20 -3.85 12.49
C LYS A 201 1.16 -4.47 12.15
N TRP A 202 1.17 -5.75 11.79
CA TRP A 202 2.43 -6.41 11.39
C TRP A 202 2.98 -5.74 10.13
N SER A 203 2.15 -5.59 9.10
CA SER A 203 2.60 -5.03 7.81
C SER A 203 3.03 -3.58 7.95
N PHE A 204 2.37 -2.81 8.81
CA PHE A 204 2.79 -1.41 9.09
C PHE A 204 4.22 -1.42 9.62
N GLY A 205 4.54 -2.38 10.50
CA GLY A 205 5.90 -2.49 11.07
C GLY A 205 6.93 -2.75 10.01
N THR A 206 6.60 -3.60 9.05
CA THR A 206 7.52 -3.90 7.93
C THR A 206 7.62 -2.68 7.03
N THR A 207 6.55 -1.92 6.88
CA THR A 207 6.57 -0.69 6.05
C THR A 207 7.44 0.34 6.74
N LEU A 208 7.33 0.46 8.06
CA LEU A 208 8.17 1.40 8.83
C LEU A 208 9.65 1.02 8.65
N TRP A 209 9.93 -0.28 8.55
CA TRP A 209 11.31 -0.74 8.30
C TRP A 209 11.78 -0.24 6.94
N GLU A 210 10.93 -0.38 5.91
CA GLU A 210 11.28 0.08 4.56
C GLU A 210 11.47 1.60 4.55
N ILE A 211 10.62 2.33 5.28
CA ILE A 211 10.69 3.82 5.29
C ILE A 211 12.00 4.25 5.98
N CYS A 212 12.53 3.39 6.85
CA CYS A 212 13.77 3.72 7.60
C CYS A 212 14.99 3.08 6.92
N SER A 213 14.79 2.33 5.83
CA SER A 213 15.91 1.57 5.22
C SER A 213 16.14 1.95 3.74
N GLY A 214 16.02 3.22 3.38
CA GLY A 214 16.31 3.71 2.01
C GLY A 214 15.92 2.79 0.88
N GLY A 215 14.65 2.38 0.81
CA GLY A 215 14.18 1.59 -0.33
C GLY A 215 14.65 0.15 -0.31
N ASP A 216 15.43 -0.23 0.70
CA ASP A 216 15.89 -1.63 0.83
C ASP A 216 14.69 -2.54 1.08
N LYS A 217 14.74 -3.75 0.55
CA LYS A 217 13.63 -4.71 0.75
C LYS A 217 14.00 -5.69 1.86
N PRO A 218 13.14 -5.87 2.87
CA PRO A 218 13.40 -6.81 3.99
C PRO A 218 13.47 -8.26 3.52
N LEU A 219 14.52 -8.97 3.92
CA LEU A 219 14.73 -10.41 3.57
C LEU A 219 14.80 -10.61 2.04
N SER A 220 15.32 -9.62 1.33
CA SER A 220 15.46 -9.71 -0.14
C SER A 220 16.41 -10.85 -0.49
N ALA A 221 17.51 -10.97 0.24
CA ALA A 221 18.54 -11.99 -0.04
C ALA A 221 18.06 -13.38 0.36
N LEU A 222 16.84 -13.48 0.87
CA LEU A 222 16.36 -14.79 1.36
C LEU A 222 15.36 -15.35 0.35
N ASP A 223 15.52 -16.62 0.04
CA ASP A 223 14.58 -17.27 -0.92
C ASP A 223 13.32 -17.67 -0.14
N SER A 224 12.31 -18.13 -0.86
CA SER A 224 11.01 -18.46 -0.22
C SER A 224 11.24 -19.37 0.99
N GLN A 225 11.99 -20.47 0.83
CA GLN A 225 12.16 -21.46 1.92
C GLN A 225 12.82 -20.81 3.13
N ARG A 226 13.88 -20.04 2.91
CA ARG A 226 14.60 -19.42 4.04
C ARG A 226 13.69 -18.37 4.69
N LYS A 227 12.91 -17.65 3.90
CA LYS A 227 11.95 -16.66 4.47
C LYS A 227 10.93 -17.43 5.32
N LEU A 228 10.48 -18.59 4.84
CA LEU A 228 9.51 -19.42 5.61
C LEU A 228 10.15 -19.84 6.93
N GLN A 229 11.46 -20.11 6.92
CA GLN A 229 12.11 -20.60 8.15
C GLN A 229 12.40 -19.42 9.08
N PHE A 230 12.53 -18.20 8.54
CA PHE A 230 12.72 -17.00 9.39
C PHE A 230 11.58 -16.91 10.36
N TYR A 231 10.38 -17.20 9.88
CA TYR A 231 9.17 -17.14 10.73
C TYR A 231 9.14 -18.32 11.70
N GLU A 232 9.59 -19.49 11.25
CA GLU A 232 9.55 -20.70 12.12
C GLU A 232 10.55 -20.51 13.27
N ASP A 233 11.63 -19.79 13.01
CA ASP A 233 12.63 -19.52 14.07
C ASP A 233 12.22 -18.26 14.85
N ARG A 234 10.99 -17.78 14.63
CA ARG A 234 10.46 -16.57 15.31
C ARG A 234 11.52 -15.48 15.28
N HIS A 235 12.09 -15.25 14.11
CA HIS A 235 13.16 -14.25 13.98
C HIS A 235 12.56 -12.86 13.75
N GLN A 236 13.36 -11.83 14.00
CA GLN A 236 12.87 -10.44 13.85
C GLN A 236 13.74 -9.69 12.83
N LEU A 237 13.13 -8.77 12.10
CA LEU A 237 13.86 -7.97 11.08
C LEU A 237 15.02 -7.23 11.74
N PRO A 238 16.17 -7.08 11.07
CA PRO A 238 17.31 -6.31 11.61
C PRO A 238 16.91 -4.85 11.81
N ALA A 239 17.47 -4.22 12.82
CA ALA A 239 17.14 -2.82 13.10
C ALA A 239 17.74 -1.91 12.04
N PRO A 240 16.95 -0.99 11.47
CA PRO A 240 17.46 -0.01 10.48
C PRO A 240 18.60 0.82 11.09
N LYS A 241 19.60 1.18 10.28
CA LYS A 241 20.70 2.07 10.76
C LYS A 241 20.06 3.24 11.50
N TRP A 242 19.11 3.95 10.88
CA TRP A 242 18.35 4.97 11.62
C TRP A 242 17.38 4.20 12.49
N ALA A 243 17.78 3.89 13.73
CA ALA A 243 16.98 2.98 14.59
C ALA A 243 16.02 3.71 15.52
N GLU A 244 15.52 4.86 15.10
CA GLU A 244 14.62 5.65 15.98
C GLU A 244 13.24 4.99 16.02
N LEU A 245 13.00 3.99 15.17
CA LEU A 245 11.66 3.37 15.08
C LEU A 245 11.74 1.84 15.19
N ALA A 246 12.91 1.31 15.55
CA ALA A 246 13.12 -0.16 15.61
C ALA A 246 12.26 -0.83 16.68
N ASN A 247 12.00 -0.12 17.77
CA ASN A 247 11.15 -0.66 18.86
C ASN A 247 9.70 -0.77 18.37
N LEU A 248 9.19 0.28 17.73
CA LEU A 248 7.79 0.29 17.21
C LEU A 248 7.69 -0.82 16.16
N ILE A 249 8.71 -0.97 15.34
CA ILE A 249 8.75 -2.04 14.31
C ILE A 249 8.62 -3.39 15.02
N ASN A 250 9.39 -3.61 16.08
CA ASN A 250 9.38 -4.93 16.77
C ASN A 250 8.07 -5.12 17.53
N ASN A 251 7.47 -4.05 18.04
CA ASN A 251 6.20 -4.12 18.80
C ASN A 251 5.04 -4.40 17.84
N CYS A 252 5.07 -3.77 16.67
CA CYS A 252 4.01 -3.98 15.66
C CYS A 252 4.20 -5.37 15.04
N MET A 253 5.45 -5.82 14.94
CA MET A 253 5.75 -7.15 14.35
C MET A 253 5.86 -8.18 15.47
N ASP A 254 4.81 -8.30 16.27
CA ASP A 254 4.77 -9.30 17.37
C ASP A 254 4.16 -10.60 16.84
N TYR A 255 4.85 -11.72 17.06
CA TYR A 255 4.36 -13.05 16.59
C TYR A 255 2.99 -13.36 17.21
N GLU A 256 2.68 -12.76 18.36
CA GLU A 256 1.32 -12.92 18.93
C GLU A 256 0.47 -11.76 18.40
N PRO A 257 -0.53 -12.04 17.55
CA PRO A 257 -1.36 -11.00 16.91
C PRO A 257 -2.05 -10.10 17.93
N ASP A 258 -2.55 -10.67 19.01
CA ASP A 258 -3.34 -9.88 20.00
C ASP A 258 -2.45 -9.00 20.86
N HIS A 259 -1.13 -9.15 20.78
CA HIS A 259 -0.22 -8.27 21.54
C HIS A 259 0.16 -7.07 20.66
N ARG A 260 -0.27 -7.06 19.40
CA ARG A 260 0.17 -5.97 18.49
C ARG A 260 -0.53 -4.67 18.90
N PRO A 261 0.21 -3.56 19.08
CA PRO A 261 -0.37 -2.29 19.57
C PRO A 261 -1.43 -1.71 18.64
N SER A 262 -2.39 -1.01 19.23
CA SER A 262 -3.44 -0.30 18.44
C SER A 262 -2.78 0.81 17.64
N PHE A 263 -3.44 1.28 16.59
CA PHE A 263 -2.91 2.41 15.82
C PHE A 263 -3.00 3.68 16.68
N ARG A 264 -3.94 3.72 17.62
CA ARG A 264 -4.03 4.87 18.55
C ARG A 264 -2.76 4.94 19.41
N ALA A 265 -2.35 3.81 19.96
CA ALA A 265 -1.12 3.74 20.77
C ALA A 265 0.12 3.91 19.89
N ILE A 266 0.07 3.45 18.63
CA ILE A 266 1.21 3.62 17.70
C ILE A 266 1.38 5.12 17.43
N ILE A 267 0.29 5.82 17.16
CA ILE A 267 0.35 7.29 16.90
C ILE A 267 0.97 7.97 18.14
N ARG A 268 0.62 7.50 19.33
CA ARG A 268 1.11 8.15 20.57
C ARG A 268 2.63 7.93 20.70
N ASP A 269 3.09 6.73 20.37
CA ASP A 269 4.54 6.44 20.39
C ASP A 269 5.23 7.28 19.31
N LEU A 270 4.65 7.34 18.11
CA LEU A 270 5.21 8.17 17.02
C LEU A 270 5.30 9.65 17.47
N ASN A 271 4.32 10.14 18.23
CA ASN A 271 4.30 11.55 18.67
C ASN A 271 5.27 11.76 19.84
N SER A 272 5.63 10.69 20.55
CA SER A 272 6.56 10.80 21.71
C SER A 272 7.99 11.00 21.22
N LEU A 273 8.39 10.32 20.15
CA LEU A 273 9.75 10.57 19.60
C LEU A 273 9.77 12.03 19.09
N PHE A 274 10.76 12.81 19.51
CA PHE A 274 10.90 14.22 19.05
C PHE A 274 9.71 15.03 19.54
#